data_3LU2
#
_entry.id   3LU2
#
_cell.length_a   179.088
_cell.length_b   179.088
_cell.length_c   46.412
_cell.angle_alpha   90.0
_cell.angle_beta   90.0
_cell.angle_gamma   120.0
#
_symmetry.space_group_name_H-M   'P 61'
#
loop_
_entity.id
_entity.type
_entity.pdbx_description
1 polymer 'Lmo2462 protein'
2 non-polymer 'ZINC ION'
3 water water
#
_entity_poly.entity_id   1
_entity_poly.type   'polypeptide(L)'
_entity_poly.pdbx_seq_one_letter_code
;SNA(MSE)RVIDTHCDALYKLQAGKGKYTFQDAEELDVNFERLIEAK(MSE)LLQGFAIFLDEDIPVEHKWKKAVEQVNI
FKQHVLHKGGIIHHVKKWCDLENLPEDKIGA(MSE)LTLEGIEPIGRDLDKLTQLLDGGVLSVGLTWNNANLAADGI
(MSE)EERGAGLTRFGKDIIHLLNERKVFTDVSHLSVKAFWETLEQAEFVIASHSSAKAICAHPRNLDDEQIKA(MSE)I
EHDA(MSE)IHVIFHPLFTTNDGVADIEDVIRHIDHICELGG(MSE)KNIGFGSDFDGIPDHVKGLEHAGKYQNFLETLG
KHYTKEEVEGFASRNFLNHLPK
;
_entity_poly.pdbx_strand_id   A,B
#
# COMPACT_ATOMS: atom_id res chain seq x y z
N ALA A 3 11.58 9.72 -44.54
CA ALA A 3 11.07 8.69 -43.63
C ALA A 3 10.93 9.28 -42.26
N ARG A 5 10.31 8.81 -38.69
CA ARG A 5 10.33 7.73 -37.70
C ARG A 5 9.63 8.13 -36.41
N VAL A 6 9.11 7.13 -35.69
CA VAL A 6 8.21 7.38 -34.58
C VAL A 6 8.69 6.77 -33.27
N ILE A 7 8.69 7.56 -32.21
CA ILE A 7 8.90 7.06 -30.86
C ILE A 7 7.56 7.09 -30.12
N ASP A 8 7.12 5.93 -29.65
CA ASP A 8 5.91 5.85 -28.84
C ASP A 8 6.24 5.25 -27.48
N THR A 9 5.82 5.91 -26.41
CA THR A 9 6.32 5.53 -25.09
C THR A 9 5.50 4.49 -24.33
N HIS A 10 4.31 4.13 -24.80
CA HIS A 10 3.46 3.27 -23.98
C HIS A 10 2.47 2.40 -24.73
N CYS A 11 2.68 1.09 -24.68
CA CYS A 11 1.66 0.16 -25.15
C CYS A 11 1.51 -1.00 -24.16
N ASP A 12 0.37 -1.68 -24.23
CA ASP A 12 0.09 -2.80 -23.33
C ASP A 12 0.19 -4.17 -24.00
N ALA A 13 1.06 -4.28 -25.01
CA ALA A 13 1.21 -5.54 -25.72
C ALA A 13 1.60 -6.71 -24.78
N LEU A 14 2.46 -6.44 -23.81
CA LEU A 14 2.93 -7.49 -22.90
C LEU A 14 1.73 -8.04 -22.10
N TYR A 15 0.95 -7.13 -21.54
CA TYR A 15 -0.25 -7.50 -20.80
C TYR A 15 -1.20 -8.35 -21.64
N LYS A 16 -1.46 -7.92 -22.88
CA LYS A 16 -2.35 -8.64 -23.79
C LYS A 16 -1.83 -10.02 -24.21
N LEU A 17 -0.55 -10.09 -24.53
CA LEU A 17 0.08 -11.37 -24.86
C LEU A 17 -0.05 -12.30 -23.68
N GLN A 18 0.32 -11.82 -22.50
CA GLN A 18 0.29 -12.64 -21.31
C GLN A 18 -1.11 -13.20 -21.08
N ALA A 19 -2.11 -12.34 -21.16
CA ALA A 19 -3.48 -12.77 -20.95
C ALA A 19 -3.95 -13.75 -22.03
N GLY A 20 -3.42 -13.58 -23.24
CA GLY A 20 -3.86 -14.36 -24.38
C GLY A 20 -3.54 -15.84 -24.27
N LYS A 21 -2.57 -16.19 -23.44
CA LYS A 21 -2.17 -17.58 -23.26
C LYS A 21 -1.86 -18.23 -24.61
N GLY A 22 -0.94 -17.63 -25.37
CA GLY A 22 -0.45 -18.23 -26.60
C GLY A 22 -1.35 -18.11 -27.82
N LYS A 23 -2.61 -17.73 -27.62
CA LYS A 23 -3.54 -17.60 -28.75
C LYS A 23 -3.23 -16.36 -29.59
N TYR A 24 -2.19 -15.63 -29.17
CA TYR A 24 -1.73 -14.45 -29.91
C TYR A 24 -0.24 -14.52 -30.19
N THR A 25 0.15 -14.32 -31.43
CA THR A 25 1.55 -14.18 -31.78
C THR A 25 1.88 -12.71 -32.03
N PHE A 26 2.96 -12.23 -31.41
CA PHE A 26 3.37 -10.85 -31.57
C PHE A 26 3.64 -10.45 -33.03
N GLN A 27 4.02 -11.43 -33.85
CA GLN A 27 4.35 -11.12 -35.23
C GLN A 27 3.21 -10.53 -36.03
N ASP A 28 2.01 -11.09 -35.92
CA ASP A 28 0.93 -10.55 -36.71
C ASP A 28 -0.46 -10.60 -36.11
N ALA A 29 -0.59 -10.82 -34.82
CA ALA A 29 -1.95 -10.92 -34.30
C ALA A 29 -2.71 -9.65 -34.61
N GLU A 30 -3.92 -9.78 -35.13
CA GLU A 30 -4.71 -8.61 -35.48
C GLU A 30 -5.44 -8.02 -34.27
N GLU A 31 -5.42 -8.75 -33.16
CA GLU A 31 -6.03 -8.29 -31.92
C GLU A 31 -5.06 -7.42 -31.11
N LEU A 32 -3.82 -7.36 -31.58
CA LEU A 32 -2.79 -6.54 -30.96
C LEU A 32 -2.58 -5.25 -31.74
N ASP A 33 -2.97 -4.14 -31.15
CA ASP A 33 -2.71 -2.82 -31.71
C ASP A 33 -1.23 -2.66 -32.06
N VAL A 34 -0.37 -3.28 -31.27
CA VAL A 34 1.07 -3.20 -31.50
C VAL A 34 1.65 -4.59 -31.77
N ASN A 35 1.71 -4.95 -33.05
CA ASN A 35 2.38 -6.18 -33.44
C ASN A 35 3.56 -5.89 -34.36
N PHE A 36 4.33 -6.91 -34.68
CA PHE A 36 5.55 -6.72 -35.45
C PHE A 36 5.27 -6.04 -36.78
N GLU A 37 4.31 -6.58 -37.54
CA GLU A 37 3.97 -6.00 -38.84
C GLU A 37 3.57 -4.53 -38.71
N ARG A 38 2.79 -4.22 -37.68
CA ARG A 38 2.30 -2.88 -37.49
C ARG A 38 3.36 -1.89 -37.02
N LEU A 39 4.42 -2.41 -36.38
CA LEU A 39 5.56 -1.57 -36.05
C LEU A 39 6.28 -1.14 -37.34
N ILE A 40 6.58 -2.10 -38.19
CA ILE A 40 7.23 -1.83 -39.48
C ILE A 40 6.46 -0.78 -40.25
N GLU A 41 5.14 -0.96 -40.27
CA GLU A 41 4.23 -0.08 -41.00
C GLU A 41 4.13 1.30 -40.33
N ALA A 42 4.27 1.34 -39.02
CA ALA A 42 4.32 2.61 -38.31
C ALA A 42 5.65 3.31 -38.59
N LYS A 43 6.65 2.54 -39.00
CA LYS A 43 8.04 3.01 -39.10
C LYS A 43 8.57 3.44 -37.73
N LEU A 45 10.69 4.01 -34.51
CA LEU A 45 12.08 4.06 -34.08
C LEU A 45 12.20 3.37 -32.72
N LEU A 46 11.29 3.68 -31.79
CA LEU A 46 11.30 3.09 -30.46
C LEU A 46 9.89 2.92 -29.93
N GLN A 47 9.60 1.75 -29.37
CA GLN A 47 8.31 1.50 -28.71
C GLN A 47 8.52 1.07 -27.25
N GLY A 48 7.86 1.75 -26.32
CA GLY A 48 7.89 1.37 -24.92
C GLY A 48 6.87 0.28 -24.62
N PHE A 49 7.33 -0.79 -23.98
CA PHE A 49 6.44 -1.87 -23.57
C PHE A 49 6.27 -1.85 -22.06
N ALA A 50 5.06 -1.53 -21.60
CA ALA A 50 4.81 -1.46 -20.17
C ALA A 50 4.64 -2.85 -19.55
N ILE A 51 5.19 -3.02 -18.35
CA ILE A 51 4.91 -4.19 -17.53
C ILE A 51 3.73 -3.79 -16.66
N PHE A 52 2.60 -4.48 -16.83
CA PHE A 52 1.40 -4.11 -16.09
C PHE A 52 0.51 -5.31 -15.78
N LEU A 53 0.21 -5.49 -14.49
CA LEU A 53 -0.66 -6.58 -14.03
C LEU A 53 -2.04 -6.07 -13.61
N ASP A 54 -3.07 -6.84 -13.93
CA ASP A 54 -4.41 -6.58 -13.41
C ASP A 54 -4.34 -6.31 -11.93
N GLU A 55 -5.17 -5.39 -11.45
CA GLU A 55 -5.20 -5.07 -10.02
C GLU A 55 -5.74 -6.26 -9.24
N ASP A 56 -6.30 -7.24 -9.95
CA ASP A 56 -6.84 -8.42 -9.29
C ASP A 56 -5.84 -9.57 -9.20
N ILE A 57 -4.65 -9.39 -9.79
CA ILE A 57 -3.57 -10.33 -9.52
C ILE A 57 -3.18 -10.16 -8.06
N PRO A 58 -3.32 -11.23 -7.26
CA PRO A 58 -2.98 -11.20 -5.84
C PRO A 58 -1.58 -10.67 -5.61
N VAL A 59 -1.46 -9.81 -4.60
CA VAL A 59 -0.20 -9.22 -4.19
C VAL A 59 0.97 -10.23 -4.12
N GLU A 60 0.68 -11.49 -3.86
CA GLU A 60 1.73 -12.50 -3.73
C GLU A 60 2.06 -13.23 -5.04
N HIS A 61 1.32 -12.91 -6.11
CA HIS A 61 1.65 -13.45 -7.42
C HIS A 61 2.16 -12.36 -8.35
N LYS A 62 2.07 -11.12 -7.91
CA LYS A 62 2.45 -10.01 -8.77
C LYS A 62 3.87 -10.16 -9.31
N TRP A 63 4.83 -10.43 -8.42
CA TRP A 63 6.22 -10.44 -8.86
C TRP A 63 6.50 -11.53 -9.88
N LYS A 64 5.83 -12.67 -9.73
CA LYS A 64 6.00 -13.73 -10.69
C LYS A 64 5.39 -13.38 -12.05
N LYS A 65 4.22 -12.77 -12.04
CA LYS A 65 3.55 -12.44 -13.30
C LYS A 65 4.28 -11.34 -14.05
N ALA A 66 4.93 -10.45 -13.31
CA ALA A 66 5.72 -9.39 -13.92
C ALA A 66 6.90 -9.99 -14.67
N VAL A 67 7.66 -10.82 -13.97
CA VAL A 67 8.83 -11.48 -14.54
C VAL A 67 8.43 -12.27 -15.77
N GLU A 68 7.25 -12.85 -15.70
CA GLU A 68 6.69 -13.57 -16.84
C GLU A 68 6.53 -12.65 -18.06
N GLN A 69 5.92 -11.49 -17.84
CA GLN A 69 5.79 -10.49 -18.91
C GLN A 69 7.14 -10.09 -19.50
N VAL A 70 8.15 -9.99 -18.65
CA VAL A 70 9.50 -9.70 -19.10
C VAL A 70 10.04 -10.79 -20.02
N ASN A 71 9.87 -12.04 -19.62
CA ASN A 71 10.32 -13.14 -20.47
C ASN A 71 9.48 -13.24 -21.75
N ILE A 72 8.22 -12.81 -21.69
CA ILE A 72 7.40 -12.73 -22.88
C ILE A 72 8.01 -11.71 -23.84
N PHE A 73 8.47 -10.60 -23.29
CA PHE A 73 9.20 -9.60 -24.05
C PHE A 73 10.49 -10.18 -24.64
N LYS A 74 11.24 -10.92 -23.83
CA LYS A 74 12.55 -11.39 -24.23
C LYS A 74 12.46 -12.51 -25.25
N GLN A 75 11.35 -13.25 -25.21
CA GLN A 75 11.16 -14.42 -26.05
CA GLN A 75 11.19 -14.42 -26.07
C GLN A 75 10.34 -14.11 -27.30
N HIS A 76 9.30 -13.28 -27.13
CA HIS A 76 8.36 -12.99 -28.21
C HIS A 76 8.67 -11.71 -28.99
N VAL A 77 9.02 -10.65 -28.28
CA VAL A 77 9.15 -9.34 -28.91
C VAL A 77 10.54 -9.10 -29.49
N LEU A 78 11.57 -9.39 -28.71
CA LEU A 78 12.95 -9.19 -29.14
C LEU A 78 13.34 -10.04 -30.35
N HIS A 79 14.20 -9.48 -31.19
CA HIS A 79 14.77 -10.18 -32.35
C HIS A 79 13.73 -10.56 -33.39
N LYS A 80 12.50 -10.11 -33.20
CA LYS A 80 11.43 -10.43 -34.12
C LYS A 80 11.81 -9.96 -35.53
N GLY A 81 11.83 -10.90 -36.47
CA GLY A 81 12.24 -10.62 -37.84
C GLY A 81 13.67 -10.13 -37.97
N GLY A 82 14.47 -10.33 -36.93
CA GLY A 82 15.84 -9.85 -36.90
C GLY A 82 15.94 -8.33 -36.90
N ILE A 83 14.85 -7.67 -36.52
CA ILE A 83 14.76 -6.22 -36.59
C ILE A 83 14.54 -5.56 -35.23
N ILE A 84 13.68 -6.14 -34.40
CA ILE A 84 13.44 -5.59 -33.07
C ILE A 84 14.68 -5.72 -32.22
N HIS A 85 15.22 -4.59 -31.78
CA HIS A 85 16.45 -4.56 -31.00
C HIS A 85 16.13 -4.07 -29.58
N HIS A 86 16.67 -4.75 -28.57
CA HIS A 86 16.44 -4.31 -27.19
C HIS A 86 17.25 -3.07 -26.85
N VAL A 87 16.55 -1.97 -26.62
CA VAL A 87 17.15 -0.78 -26.05
C VAL A 87 17.14 -0.94 -24.53
N LYS A 88 18.29 -1.29 -23.96
CA LYS A 88 18.38 -1.52 -22.51
C LYS A 88 19.02 -0.33 -21.81
N LYS A 89 19.70 0.48 -22.60
CA LYS A 89 20.32 1.71 -22.11
C LYS A 89 20.14 2.79 -23.16
N TRP A 90 20.18 4.06 -22.76
CA TRP A 90 19.97 5.15 -23.70
C TRP A 90 21.01 5.18 -24.82
N CYS A 91 22.21 4.67 -24.55
CA CYS A 91 23.22 4.61 -25.60
C CYS A 91 22.82 3.63 -26.72
N ASP A 92 22.11 2.57 -26.35
CA ASP A 92 21.58 1.63 -27.34
C ASP A 92 20.63 2.35 -28.30
N LEU A 93 19.98 3.40 -27.82
CA LEU A 93 19.05 4.16 -28.65
C LEU A 93 19.80 5.08 -29.59
N GLU A 94 20.81 5.78 -29.07
CA GLU A 94 21.55 6.77 -29.85
C GLU A 94 22.44 6.11 -30.91
N ASN A 95 22.58 4.80 -30.83
CA ASN A 95 23.42 4.07 -31.77
C ASN A 95 22.64 2.95 -32.45
N LEU A 96 21.34 3.17 -32.57
CA LEU A 96 20.47 2.22 -33.25
C LEU A 96 20.50 2.46 -34.77
N PRO A 97 20.53 1.37 -35.56
CA PRO A 97 20.52 1.45 -37.02
C PRO A 97 19.22 2.02 -37.59
N GLU A 98 19.16 2.16 -38.92
CA GLU A 98 17.97 2.69 -39.58
C GLU A 98 16.99 1.59 -39.96
N ASP A 99 17.48 0.36 -40.02
CA ASP A 99 16.66 -0.79 -40.36
C ASP A 99 16.13 -1.49 -39.12
N LYS A 100 16.71 -1.17 -37.96
CA LYS A 100 16.32 -1.81 -36.71
C LYS A 100 15.29 -0.98 -35.95
N ILE A 101 14.43 -1.65 -35.19
CA ILE A 101 13.41 -0.99 -34.40
C ILE A 101 13.68 -1.22 -32.91
N GLY A 102 13.75 -0.14 -32.14
CA GLY A 102 14.04 -0.26 -30.73
C GLY A 102 12.84 -0.62 -29.89
N ALA A 103 13.07 -1.42 -28.86
CA ALA A 103 12.03 -1.79 -27.90
C ALA A 103 12.58 -1.65 -26.49
N LEU A 105 11.59 -1.57 -22.07
CA LEU A 105 10.65 -1.96 -21.03
C LEU A 105 10.41 -0.79 -20.09
N THR A 106 9.16 -0.63 -19.67
CA THR A 106 8.80 0.38 -18.67
C THR A 106 7.92 -0.25 -17.60
N LEU A 107 7.87 0.35 -16.41
CA LEU A 107 7.18 -0.25 -15.28
C LEU A 107 6.00 0.60 -14.88
N GLU A 108 4.81 0.04 -15.00
CA GLU A 108 3.59 0.83 -14.83
C GLU A 108 2.99 0.57 -13.43
N GLY A 109 3.49 1.30 -12.43
CA GLY A 109 3.20 1.03 -11.03
C GLY A 109 4.18 0.04 -10.43
N ILE A 110 4.60 0.31 -9.19
CA ILE A 110 5.61 -0.53 -8.54
C ILE A 110 5.02 -1.68 -7.72
N GLU A 111 3.72 -1.92 -7.89
CA GLU A 111 3.07 -3.02 -7.17
C GLU A 111 3.85 -4.35 -7.26
N PRO A 112 4.43 -4.66 -8.43
CA PRO A 112 5.10 -5.97 -8.51
C PRO A 112 6.32 -6.11 -7.60
N ILE A 113 6.85 -5.03 -7.04
CA ILE A 113 8.08 -5.14 -6.25
C ILE A 113 7.89 -5.19 -4.75
N GLY A 114 6.63 -5.09 -4.29
CA GLY A 114 6.34 -5.11 -2.85
C GLY A 114 7.06 -3.97 -2.14
N ARG A 115 7.75 -4.29 -1.05
CA ARG A 115 8.54 -3.33 -0.28
CA ARG A 115 8.54 -3.24 -0.39
C ARG A 115 10.02 -3.50 -0.61
N ASP A 116 10.33 -4.23 -1.68
CA ASP A 116 11.71 -4.65 -1.96
C ASP A 116 12.41 -3.90 -3.12
N LEU A 117 13.37 -3.06 -2.77
CA LEU A 117 14.14 -2.30 -3.76
C LEU A 117 15.09 -3.14 -4.59
N ASP A 118 15.34 -4.38 -4.17
CA ASP A 118 16.20 -5.27 -4.95
C ASP A 118 15.41 -5.90 -6.08
N LYS A 119 14.11 -6.01 -5.91
CA LYS A 119 13.26 -6.43 -7.02
C LYS A 119 13.25 -5.34 -8.08
N LEU A 120 13.11 -4.09 -7.64
CA LEU A 120 13.23 -2.97 -8.57
C LEU A 120 14.60 -2.97 -9.26
N THR A 121 15.68 -3.08 -8.48
CA THR A 121 17.02 -3.10 -9.05
C THR A 121 17.16 -4.20 -10.12
N GLN A 122 16.62 -5.37 -9.81
CA GLN A 122 16.54 -6.45 -10.79
C GLN A 122 15.88 -6.02 -12.10
N LEU A 123 14.72 -5.36 -12.03
CA LEU A 123 14.03 -4.95 -13.23
C LEU A 123 14.85 -3.92 -13.98
N LEU A 124 15.55 -3.07 -13.24
CA LEU A 124 16.36 -2.03 -13.88
C LEU A 124 17.54 -2.71 -14.59
N ASP A 125 18.14 -3.71 -13.93
CA ASP A 125 19.21 -4.48 -14.54
C ASP A 125 18.70 -5.20 -15.78
N GLY A 126 17.39 -5.42 -15.83
CA GLY A 126 16.74 -6.05 -16.97
C GLY A 126 16.50 -5.10 -18.14
N GLY A 127 16.64 -3.80 -17.91
CA GLY A 127 16.51 -2.83 -18.99
C GLY A 127 15.36 -1.85 -18.84
N VAL A 128 14.65 -1.89 -17.71
CA VAL A 128 13.55 -0.96 -17.48
C VAL A 128 14.08 0.48 -17.48
N LEU A 129 13.57 1.31 -18.38
CA LEU A 129 14.11 2.66 -18.52
C LEU A 129 13.14 3.75 -18.09
N SER A 130 11.95 3.36 -17.67
CA SER A 130 10.96 4.32 -17.18
C SER A 130 10.07 3.66 -16.13
N VAL A 131 9.87 4.33 -15.01
CA VAL A 131 9.06 3.77 -13.94
C VAL A 131 8.01 4.75 -13.45
N GLY A 132 6.77 4.30 -13.43
CA GLY A 132 5.70 5.06 -12.81
C GLY A 132 5.49 4.45 -11.43
N LEU A 133 5.54 5.29 -10.40
CA LEU A 133 5.35 4.80 -9.04
C LEU A 133 4.00 4.14 -8.89
N THR A 134 2.99 4.72 -9.52
CA THR A 134 1.63 4.23 -9.33
C THR A 134 0.91 3.99 -10.63
N TRP A 135 -0.04 3.07 -10.58
CA TRP A 135 -1.16 3.05 -11.49
C TRP A 135 -2.26 3.89 -10.81
N ASN A 136 -3.53 3.49 -10.94
CA ASN A 136 -4.62 4.34 -10.46
C ASN A 136 -4.83 4.38 -8.94
N ASN A 137 -4.29 3.39 -8.23
CA ASN A 137 -4.63 3.20 -6.82
C ASN A 137 -3.51 3.61 -5.88
N ALA A 138 -3.85 3.71 -4.60
CA ALA A 138 -2.84 3.83 -3.55
C ALA A 138 -1.94 2.58 -3.51
N ASN A 139 -0.64 2.80 -3.41
CA ASN A 139 0.30 1.71 -3.14
C ASN A 139 1.34 2.18 -2.15
N LEU A 140 2.36 1.36 -1.93
CA LEU A 140 3.37 1.62 -0.90
C LEU A 140 4.23 2.85 -1.18
N ALA A 141 4.23 3.32 -2.42
CA ALA A 141 5.08 4.45 -2.81
C ALA A 141 4.36 5.80 -2.84
N ALA A 142 3.09 5.78 -3.24
CA ALA A 142 2.33 7.01 -3.41
C ALA A 142 0.86 6.68 -3.68
N ASP A 143 -0.01 7.69 -3.68
CA ASP A 143 -1.38 7.49 -4.16
C ASP A 143 -1.45 7.72 -5.67
N GLY A 144 -2.16 6.83 -6.36
CA GLY A 144 -2.49 7.02 -7.76
C GLY A 144 -3.62 8.03 -7.89
N ILE A 145 -3.97 8.38 -9.13
CA ILE A 145 -4.87 9.51 -9.38
C ILE A 145 -6.32 9.21 -8.97
N GLU A 147 -7.26 7.54 -6.24
CA GLU A 147 -7.41 7.46 -4.79
C GLU A 147 -7.90 8.80 -4.25
N GLU A 148 -9.09 8.81 -3.68
CA GLU A 148 -9.72 10.03 -3.17
CA GLU A 148 -9.67 10.08 -3.26
C GLU A 148 -8.86 10.77 -2.14
N ARG A 149 -8.07 10.03 -1.40
CA ARG A 149 -7.20 10.64 -0.40
C ARG A 149 -6.20 11.58 -1.11
N GLY A 150 -5.68 11.12 -2.24
CA GLY A 150 -4.77 11.89 -3.07
C GLY A 150 -3.57 12.42 -2.31
N ALA A 151 -2.90 11.54 -1.57
CA ALA A 151 -1.69 11.93 -0.88
C ALA A 151 -0.46 11.77 -1.77
N GLY A 152 0.68 12.29 -1.30
CA GLY A 152 1.90 12.29 -2.07
C GLY A 152 2.74 11.04 -1.85
N LEU A 153 4.06 11.23 -1.80
CA LEU A 153 5.01 10.13 -1.66
C LEU A 153 5.25 9.69 -0.22
N THR A 154 5.46 8.39 -0.04
CA THR A 154 6.01 7.85 1.20
C THR A 154 7.54 7.95 1.12
N ARG A 155 8.21 7.63 2.23
CA ARG A 155 9.66 7.57 2.25
C ARG A 155 10.15 6.49 1.24
N PHE A 156 9.42 5.39 1.15
CA PHE A 156 9.69 4.35 0.15
C PHE A 156 9.64 4.92 -1.27
N GLY A 157 8.63 5.75 -1.56
CA GLY A 157 8.53 6.42 -2.84
C GLY A 157 9.76 7.25 -3.15
N LYS A 158 10.19 8.04 -2.17
CA LYS A 158 11.36 8.90 -2.34
C LYS A 158 12.62 8.07 -2.55
N ASP A 159 12.70 6.95 -1.85
CA ASP A 159 13.83 6.04 -1.97
C ASP A 159 13.89 5.50 -3.39
N ILE A 160 12.73 5.21 -3.94
CA ILE A 160 12.65 4.70 -5.30
C ILE A 160 13.14 5.73 -6.31
N ILE A 161 12.68 6.97 -6.15
CA ILE A 161 13.06 8.02 -7.10
C ILE A 161 14.55 8.30 -7.01
N HIS A 162 15.10 8.27 -5.80
CA HIS A 162 16.53 8.49 -5.60
C HIS A 162 17.33 7.47 -6.41
N LEU A 163 16.85 6.22 -6.43
CA LEU A 163 17.46 5.17 -7.23
C LEU A 163 17.26 5.37 -8.73
N LEU A 164 16.08 5.83 -9.14
CA LEU A 164 15.82 6.07 -10.56
C LEU A 164 16.75 7.16 -11.04
N ASN A 165 16.92 8.20 -10.21
CA ASN A 165 17.83 9.28 -10.54
C ASN A 165 19.26 8.77 -10.73
N GLU A 166 19.71 7.97 -9.76
CA GLU A 166 21.06 7.42 -9.79
C GLU A 166 21.30 6.56 -11.04
N ARG A 167 20.25 5.89 -11.52
CA ARG A 167 20.37 4.97 -12.66
C ARG A 167 19.93 5.56 -14.00
N LYS A 168 19.69 6.87 -14.06
CA LYS A 168 19.32 7.52 -15.32
C LYS A 168 18.07 6.87 -15.93
N VAL A 169 17.07 6.65 -15.09
CA VAL A 169 15.78 6.11 -15.49
C VAL A 169 14.70 7.19 -15.32
N PHE A 170 13.78 7.28 -16.28
CA PHE A 170 12.66 8.22 -16.20
C PHE A 170 11.77 7.91 -15.00
N THR A 171 11.24 8.96 -14.38
CA THR A 171 10.18 8.82 -13.40
C THR A 171 8.90 9.29 -14.09
N ASP A 172 7.93 8.39 -14.17
CA ASP A 172 6.76 8.62 -14.99
C ASP A 172 5.59 9.04 -14.14
N VAL A 173 5.06 10.25 -14.37
CA VAL A 173 4.00 10.76 -13.50
C VAL A 173 2.58 10.54 -14.01
N SER A 174 2.43 9.86 -15.13
CA SER A 174 1.12 9.74 -15.77
C SER A 174 -0.08 9.35 -14.86
N HIS A 175 0.08 8.37 -13.97
CA HIS A 175 -1.05 7.98 -13.10
C HIS A 175 -1.00 8.54 -11.69
N LEU A 176 -0.05 9.42 -11.43
CA LEU A 176 0.25 9.94 -10.11
C LEU A 176 -0.83 10.93 -9.60
N SER A 177 -1.18 10.85 -8.33
CA SER A 177 -2.12 11.82 -7.79
C SER A 177 -1.53 13.21 -8.01
N VAL A 178 -2.36 14.25 -7.92
CA VAL A 178 -1.87 15.61 -8.10
C VAL A 178 -0.74 15.92 -7.11
N LYS A 179 -0.92 15.59 -5.84
CA LYS A 179 0.10 15.84 -4.84
C LYS A 179 1.39 15.08 -5.15
N ALA A 180 1.25 13.79 -5.47
CA ALA A 180 2.41 12.96 -5.83
C ALA A 180 3.17 13.56 -7.01
N PHE A 181 2.43 14.08 -7.98
CA PHE A 181 3.02 14.66 -9.19
C PHE A 181 3.94 15.79 -8.78
N TRP A 182 3.43 16.69 -7.96
CA TRP A 182 4.21 17.84 -7.54
C TRP A 182 5.44 17.47 -6.71
N GLU A 183 5.30 16.51 -5.81
CA GLU A 183 6.45 16.06 -5.01
C GLU A 183 7.47 15.38 -5.88
N THR A 184 6.99 14.61 -6.85
CA THR A 184 7.86 13.93 -7.80
C THR A 184 8.70 14.92 -8.63
N LEU A 185 8.09 15.99 -9.13
CA LEU A 185 8.84 17.01 -9.86
C LEU A 185 9.97 17.56 -9.02
N GLU A 186 9.77 17.57 -7.71
CA GLU A 186 10.73 18.11 -6.77
C GLU A 186 11.92 17.15 -6.56
N GLN A 187 11.69 15.86 -6.74
CA GLN A 187 12.69 14.84 -6.40
C GLN A 187 13.34 14.22 -7.62
N ALA A 188 12.52 13.96 -8.64
CA ALA A 188 12.99 13.23 -9.81
C ALA A 188 13.85 14.15 -10.68
N GLU A 189 14.82 13.56 -11.35
CA GLU A 189 15.74 14.33 -12.18
C GLU A 189 15.30 14.24 -13.62
N PHE A 190 14.71 13.11 -13.97
CA PHE A 190 14.23 12.85 -15.33
C PHE A 190 12.75 12.52 -15.30
N VAL A 191 11.93 13.51 -15.59
CA VAL A 191 10.49 13.35 -15.48
C VAL A 191 9.84 13.16 -16.84
N ILE A 192 8.89 12.24 -16.91
CA ILE A 192 8.13 12.06 -18.11
C ILE A 192 6.67 11.83 -17.72
N ALA A 193 5.75 12.21 -18.61
CA ALA A 193 4.38 11.73 -18.51
C ALA A 193 4.15 10.83 -19.73
N SER A 194 4.23 9.51 -19.52
CA SER A 194 4.32 8.55 -20.64
C SER A 194 3.05 8.41 -21.48
N HIS A 195 1.91 8.76 -20.92
CA HIS A 195 0.67 8.75 -21.67
C HIS A 195 -0.36 9.60 -20.94
N SER A 196 -0.35 10.91 -21.23
CA SER A 196 -1.29 11.86 -20.63
C SER A 196 -1.69 12.91 -21.63
N SER A 197 -2.92 13.43 -21.50
CA SER A 197 -3.34 14.57 -22.31
C SER A 197 -3.67 15.78 -21.43
N ALA A 198 -4.34 16.77 -22.01
CA ALA A 198 -4.53 18.05 -21.33
C ALA A 198 -5.93 18.22 -20.70
N LYS A 199 -5.94 18.47 -19.40
CA LYS A 199 -7.18 18.63 -18.67
C LYS A 199 -8.05 19.76 -19.22
N ALA A 200 -7.43 20.82 -19.73
CA ALA A 200 -8.21 21.93 -20.26
C ALA A 200 -9.06 21.52 -21.46
N ILE A 201 -8.61 20.51 -22.21
CA ILE A 201 -9.34 20.05 -23.40
C ILE A 201 -10.32 18.92 -23.04
N CYS A 202 -9.88 18.01 -22.18
CA CYS A 202 -10.76 16.96 -21.64
C CYS A 202 -10.50 16.82 -20.14
N ALA A 203 -11.55 16.99 -19.34
CA ALA A 203 -11.39 17.20 -17.89
C ALA A 203 -11.24 15.94 -17.03
N HIS A 204 -10.95 14.81 -17.65
CA HIS A 204 -10.67 13.61 -16.90
C HIS A 204 -9.50 13.83 -15.92
N PRO A 205 -9.62 13.32 -14.69
CA PRO A 205 -8.65 13.57 -13.60
C PRO A 205 -7.25 13.11 -13.97
N ARG A 206 -7.24 12.21 -14.90
CA ARG A 206 -6.05 11.60 -15.42
C ARG A 206 -5.16 12.56 -16.21
N ASN A 207 -5.76 13.62 -16.74
CA ASN A 207 -5.08 14.58 -17.60
C ASN A 207 -4.37 15.69 -16.81
N LEU A 208 -3.45 16.37 -17.47
CA LEU A 208 -2.61 17.38 -16.81
C LEU A 208 -3.25 18.76 -16.86
N ASP A 209 -3.36 19.41 -15.71
CA ASP A 209 -3.89 20.78 -15.69
C ASP A 209 -2.83 21.76 -16.20
N ASP A 210 -3.23 23.01 -16.42
CA ASP A 210 -2.34 23.98 -17.04
C ASP A 210 -1.07 24.23 -16.23
N GLU A 211 -1.20 24.29 -14.92
CA GLU A 211 -0.04 24.57 -14.09
C GLU A 211 0.93 23.41 -14.16
N GLN A 212 0.39 22.20 -14.18
CA GLN A 212 1.21 20.99 -14.29
C GLN A 212 1.95 20.95 -15.63
N ILE A 213 1.27 21.34 -16.70
CA ILE A 213 1.94 21.37 -18.00
C ILE A 213 3.07 22.41 -18.03
N LYS A 214 2.81 23.61 -17.53
CA LYS A 214 3.85 24.63 -17.45
C LYS A 214 5.04 24.16 -16.62
N ALA A 215 4.77 23.46 -15.53
CA ALA A 215 5.84 22.96 -14.68
C ALA A 215 6.65 21.90 -15.40
N ILE A 217 7.11 21.79 -18.63
CA ILE A 217 7.95 22.54 -19.58
C ILE A 217 9.14 23.16 -18.85
N GLU A 218 8.86 23.90 -17.79
CA GLU A 218 9.89 24.48 -16.94
C GLU A 218 10.96 23.48 -16.47
N HIS A 219 10.54 22.24 -16.19
CA HIS A 219 11.39 21.16 -15.68
CA HIS A 219 11.46 21.25 -15.67
C HIS A 219 12.14 20.46 -16.80
N ASP A 220 11.82 20.83 -18.05
CA ASP A 220 12.36 20.14 -19.22
C ASP A 220 11.95 18.67 -19.30
N ALA A 221 10.69 18.39 -19.00
CA ALA A 221 10.20 17.02 -19.02
C ALA A 221 9.39 16.80 -20.29
N ILE A 223 5.99 15.33 -22.33
CA ILE A 223 4.60 14.96 -22.20
C ILE A 223 4.21 14.17 -23.43
N HIS A 224 3.80 12.92 -23.25
CA HIS A 224 3.50 12.06 -24.37
C HIS A 224 2.00 11.88 -24.44
N VAL A 225 1.38 12.45 -25.46
CA VAL A 225 -0.09 12.49 -25.51
C VAL A 225 -0.64 11.12 -25.87
N ILE A 226 -1.79 10.81 -25.29
CA ILE A 226 -2.35 9.48 -25.36
C ILE A 226 -3.42 9.42 -26.43
N PHE A 227 -3.61 8.23 -27.03
CA PHE A 227 -4.60 8.04 -28.08
C PHE A 227 -5.85 7.35 -27.57
N HIS A 228 -6.20 7.63 -26.32
CA HIS A 228 -7.36 7.02 -25.68
C HIS A 228 -8.52 8.01 -25.59
N PRO A 229 -9.67 7.68 -26.21
CA PRO A 229 -10.72 8.69 -26.42
C PRO A 229 -11.41 9.15 -25.14
N LEU A 230 -11.35 8.33 -24.10
CA LEU A 230 -11.93 8.72 -22.81
C LEU A 230 -11.19 9.92 -22.23
N PHE A 231 -9.93 10.09 -22.61
CA PHE A 231 -9.09 11.16 -22.10
C PHE A 231 -8.92 12.25 -23.15
N THR A 232 -9.57 12.06 -24.30
CA THR A 232 -9.39 12.96 -25.42
C THR A 232 -10.53 13.95 -25.54
N THR A 233 -11.76 13.47 -25.36
CA THR A 233 -12.95 14.31 -25.40
C THR A 233 -13.84 13.98 -24.20
N ASN A 234 -14.56 14.98 -23.71
CA ASN A 234 -15.40 14.76 -22.54
C ASN A 234 -16.48 13.71 -22.79
N ASP A 235 -17.00 13.66 -24.01
CA ASP A 235 -18.02 12.68 -24.33
C ASP A 235 -17.45 11.30 -24.68
N GLY A 236 -16.13 11.17 -24.64
CA GLY A 236 -15.49 9.87 -24.83
C GLY A 236 -15.48 9.33 -26.26
N VAL A 237 -15.89 10.16 -27.22
CA VAL A 237 -15.83 9.80 -28.62
C VAL A 237 -14.97 10.82 -29.36
N ALA A 238 -13.88 10.35 -29.93
CA ALA A 238 -12.85 11.23 -30.46
C ALA A 238 -12.33 10.77 -31.81
N ASP A 239 -11.90 11.75 -32.62
CA ASP A 239 -11.16 11.48 -33.84
C ASP A 239 -9.76 12.11 -33.75
N ILE A 240 -8.97 11.94 -34.80
CA ILE A 240 -7.61 12.48 -34.83
C ILE A 240 -7.54 13.97 -34.53
N GLU A 241 -8.47 14.75 -35.10
CA GLU A 241 -8.52 16.18 -34.83
C GLU A 241 -8.66 16.47 -33.33
N ASP A 242 -9.42 15.63 -32.62
CA ASP A 242 -9.56 15.81 -31.19
C ASP A 242 -8.22 15.65 -30.49
N VAL A 243 -7.42 14.68 -30.91
CA VAL A 243 -6.10 14.47 -30.32
C VAL A 243 -5.23 15.69 -30.58
N ILE A 244 -5.27 16.17 -31.81
CA ILE A 244 -4.48 17.33 -32.21
C ILE A 244 -4.78 18.56 -31.33
N ARG A 245 -6.03 18.71 -30.90
CA ARG A 245 -6.42 19.81 -30.02
CA ARG A 245 -6.39 19.83 -30.04
C ARG A 245 -5.61 19.82 -28.72
N HIS A 246 -5.22 18.63 -28.25
CA HIS A 246 -4.37 18.54 -27.04
C HIS A 246 -2.94 18.99 -27.33
N ILE A 247 -2.43 18.60 -28.48
CA ILE A 247 -1.11 19.07 -28.92
C ILE A 247 -1.14 20.59 -29.04
N ASP A 248 -2.18 21.13 -29.68
CA ASP A 248 -2.33 22.57 -29.80
C ASP A 248 -2.22 23.22 -28.41
N HIS A 249 -2.92 22.67 -27.42
CA HIS A 249 -2.97 23.28 -26.09
C HIS A 249 -1.59 23.32 -25.45
N ILE A 250 -0.87 22.22 -25.48
CA ILE A 250 0.46 22.18 -24.90
C ILE A 250 1.42 23.12 -25.62
N CYS A 251 1.32 23.21 -26.94
CA CYS A 251 2.14 24.18 -27.68
C CYS A 251 1.84 25.63 -27.26
N GLU A 252 0.57 25.95 -27.09
CA GLU A 252 0.18 27.31 -26.71
C GLU A 252 0.67 27.66 -25.30
N LEU A 253 0.94 26.64 -24.49
CA LEU A 253 1.47 26.85 -23.16
C LEU A 253 2.99 26.93 -23.22
N GLY A 254 3.54 26.72 -24.42
CA GLY A 254 4.96 26.87 -24.67
C GLY A 254 5.73 25.55 -24.77
N GLY A 255 5.00 24.45 -24.97
CA GLY A 255 5.59 23.10 -24.90
C GLY A 255 5.94 22.43 -26.23
N LYS A 257 8.54 21.92 -27.76
CA LYS A 257 9.73 21.09 -27.67
C LYS A 257 9.61 19.98 -26.63
N ASN A 258 8.45 19.87 -26.00
CA ASN A 258 8.24 18.93 -24.89
C ASN A 258 7.14 17.91 -25.13
N ILE A 259 6.70 17.79 -26.38
CA ILE A 259 5.59 16.90 -26.71
C ILE A 259 6.09 15.71 -27.48
N GLY A 260 5.62 14.53 -27.09
CA GLY A 260 5.87 13.31 -27.84
C GLY A 260 4.57 12.52 -27.87
N PHE A 261 4.64 11.27 -28.31
CA PHE A 261 3.47 10.41 -28.36
C PHE A 261 3.56 9.25 -27.36
N GLY A 262 2.43 8.93 -26.73
CA GLY A 262 2.35 7.80 -25.80
C GLY A 262 0.96 7.17 -25.95
N SER A 263 0.80 6.41 -27.02
CA SER A 263 -0.50 5.97 -27.51
C SER A 263 -1.36 5.28 -26.45
N ASP A 264 -0.73 4.44 -25.64
CA ASP A 264 -1.43 3.49 -24.79
C ASP A 264 -2.16 2.45 -25.64
N PHE A 265 -1.58 2.10 -26.77
CA PHE A 265 -2.13 1.04 -27.62
C PHE A 265 -2.13 -0.31 -26.88
N ASP A 266 -3.17 -1.10 -27.14
CA ASP A 266 -3.37 -2.41 -26.50
C ASP A 266 -3.92 -2.32 -25.07
N GLY A 267 -4.01 -1.10 -24.55
CA GLY A 267 -4.66 -0.86 -23.27
C GLY A 267 -5.91 -0.01 -23.49
N ILE A 268 -6.40 0.00 -24.72
CA ILE A 268 -7.54 0.80 -25.05
C ILE A 268 -8.81 0.03 -25.36
N PRO A 269 -9.83 0.23 -24.54
CA PRO A 269 -11.13 -0.39 -24.73
C PRO A 269 -11.78 0.14 -25.99
N ASP A 270 -11.66 1.44 -26.19
CA ASP A 270 -12.22 2.09 -27.37
C ASP A 270 -11.18 2.95 -28.02
N HIS A 271 -11.22 3.03 -29.34
CA HIS A 271 -10.22 3.75 -30.08
C HIS A 271 -10.62 5.06 -30.69
N VAL A 272 -9.61 5.89 -30.91
CA VAL A 272 -9.78 7.15 -31.61
C VAL A 272 -9.93 6.84 -33.11
N LYS A 273 -10.97 7.37 -33.73
CA LYS A 273 -11.22 7.09 -35.14
C LYS A 273 -10.02 7.49 -35.98
N GLY A 274 -9.44 6.54 -36.71
CA GLY A 274 -8.28 6.82 -37.54
C GLY A 274 -6.97 6.50 -36.84
N LEU A 275 -7.07 6.13 -35.57
CA LEU A 275 -5.91 5.72 -34.79
C LEU A 275 -6.20 4.38 -34.11
N GLU A 276 -6.72 3.44 -34.89
CA GLU A 276 -7.14 2.15 -34.36
C GLU A 276 -5.98 1.24 -33.95
N HIS A 277 -4.79 1.49 -34.50
CA HIS A 277 -3.60 0.70 -34.14
C HIS A 277 -2.31 1.34 -34.67
N ALA A 278 -1.17 0.82 -34.23
CA ALA A 278 0.12 1.45 -34.57
C ALA A 278 0.38 1.57 -36.06
N GLY A 279 -0.30 0.77 -36.89
CA GLY A 279 -0.15 0.85 -38.33
C GLY A 279 -0.77 2.09 -38.94
N LYS A 280 -1.63 2.76 -38.17
CA LYS A 280 -2.27 3.98 -38.64
C LYS A 280 -1.40 5.22 -38.36
N TYR A 281 -0.19 5.01 -37.85
CA TYR A 281 0.69 6.10 -37.42
C TYR A 281 1.06 7.12 -38.52
N GLN A 282 1.43 6.64 -39.70
CA GLN A 282 1.84 7.57 -40.74
C GLN A 282 0.65 8.40 -41.25
N ASN A 283 -0.54 7.82 -41.20
CA ASN A 283 -1.76 8.57 -41.51
C ASN A 283 -1.92 9.72 -40.52
N PHE A 284 -1.71 9.41 -39.25
CA PHE A 284 -1.85 10.38 -38.17
C PHE A 284 -0.86 11.53 -38.40
N LEU A 285 0.38 11.17 -38.72
CA LEU A 285 1.41 12.15 -39.00
C LEU A 285 1.06 13.04 -40.19
N GLU A 286 0.43 12.46 -41.22
CA GLU A 286 0.02 13.23 -42.40
C GLU A 286 -1.06 14.25 -42.03
N THR A 287 -2.04 13.83 -41.25
CA THR A 287 -3.05 14.74 -40.74
C THR A 287 -2.43 15.82 -39.85
N LEU A 288 -1.55 15.41 -38.94
CA LEU A 288 -0.83 16.34 -38.09
C LEU A 288 -0.11 17.37 -38.96
N GLY A 289 0.46 16.88 -40.07
CA GLY A 289 1.22 17.71 -40.99
C GLY A 289 0.44 18.82 -41.69
N LYS A 290 -0.87 18.87 -41.49
CA LYS A 290 -1.64 19.98 -42.02
C LYS A 290 -1.75 21.12 -41.02
N HIS A 291 -1.29 20.88 -39.80
CA HIS A 291 -1.35 21.86 -38.72
C HIS A 291 0.04 22.30 -38.27
N TYR A 292 1.04 21.49 -38.61
CA TYR A 292 2.40 21.69 -38.13
C TYR A 292 3.35 21.43 -39.28
N THR A 293 4.48 22.14 -39.33
CA THR A 293 5.47 21.87 -40.35
C THR A 293 6.06 20.50 -40.11
N LYS A 294 6.74 19.97 -41.11
CA LYS A 294 7.40 18.70 -41.01
CA LYS A 294 7.41 18.68 -41.00
C LYS A 294 8.46 18.79 -39.91
N GLU A 295 9.12 19.93 -39.80
CA GLU A 295 10.10 20.17 -38.73
C GLU A 295 9.47 20.00 -37.34
N GLU A 296 8.26 20.52 -37.16
CA GLU A 296 7.55 20.39 -35.88
C GLU A 296 7.05 18.98 -35.63
N VAL A 297 6.48 18.34 -36.65
CA VAL A 297 5.99 16.97 -36.52
C VAL A 297 7.11 16.00 -36.14
N GLU A 298 8.28 16.19 -36.75
CA GLU A 298 9.45 15.38 -36.41
C GLU A 298 9.83 15.56 -34.93
N GLY A 299 9.58 16.75 -34.40
CA GLY A 299 9.76 17.01 -32.98
C GLY A 299 8.87 16.12 -32.15
N PHE A 300 7.57 16.13 -32.47
CA PHE A 300 6.59 15.31 -31.77
C PHE A 300 6.92 13.83 -31.95
N ALA A 301 7.33 13.47 -33.17
CA ALA A 301 7.49 12.06 -33.53
C ALA A 301 8.69 11.40 -32.87
N SER A 302 9.81 12.10 -32.76
CA SER A 302 11.00 11.50 -32.17
C SER A 302 12.03 12.49 -31.62
N ARG A 303 12.17 13.64 -32.25
CA ARG A 303 13.29 14.52 -31.94
C ARG A 303 13.25 15.11 -30.54
N ASN A 304 12.06 15.49 -30.06
CA ASN A 304 11.94 15.99 -28.70
C ASN A 304 12.39 14.94 -27.68
N PHE A 305 11.92 13.70 -27.86
CA PHE A 305 12.30 12.63 -26.93
C PHE A 305 13.80 12.41 -26.96
N LEU A 306 14.36 12.24 -28.15
CA LEU A 306 15.80 12.10 -28.32
C LEU A 306 16.61 13.26 -27.72
N ASN A 307 16.02 14.45 -27.65
CA ASN A 307 16.67 15.58 -27.00
C ASN A 307 16.57 15.54 -25.49
N HIS A 308 15.84 14.59 -24.95
CA HIS A 308 15.57 14.59 -23.51
C HIS A 308 16.04 13.32 -22.84
N LEU A 309 16.94 12.58 -23.47
CA LEU A 309 17.43 11.34 -22.87
C LEU A 309 18.17 11.62 -21.56
N PRO A 310 17.88 10.82 -20.53
CA PRO A 310 18.59 10.96 -19.25
C PRO A 310 20.10 10.83 -19.46
N LYS A 311 20.88 11.68 -18.81
CA LYS A 311 22.31 11.80 -19.10
C LYS A 311 23.11 11.97 -17.81
N ALA B 3 -11.36 -13.42 43.87
CA ALA B 3 -10.30 -13.44 42.86
C ALA B 3 -10.69 -12.58 41.67
N ARG B 5 -10.45 -11.42 38.04
CA ARG B 5 -10.01 -11.92 36.76
C ARG B 5 -9.56 -10.80 35.84
N VAL B 6 -8.74 -11.12 34.86
CA VAL B 6 -8.11 -10.10 34.03
C VAL B 6 -8.38 -10.27 32.54
N ILE B 7 -8.74 -9.16 31.90
CA ILE B 7 -8.79 -9.11 30.44
C ILE B 7 -7.60 -8.29 29.92
N ASP B 8 -6.79 -8.90 29.07
CA ASP B 8 -5.67 -8.20 28.44
C ASP B 8 -5.83 -8.29 26.94
N THR B 9 -5.82 -7.16 26.26
CA THR B 9 -6.18 -7.14 24.84
C THR B 9 -5.03 -7.40 23.85
N HIS B 10 -3.80 -7.55 24.33
CA HIS B 10 -2.71 -7.59 23.38
C HIS B 10 -1.40 -8.21 23.84
N CYS B 11 -1.03 -9.35 23.26
CA CYS B 11 0.32 -9.87 23.45
C CYS B 11 0.87 -10.43 22.13
N ASP B 12 2.18 -10.68 22.10
CA ASP B 12 2.85 -11.10 20.87
C ASP B 12 3.31 -12.54 20.93
N ALA B 13 2.67 -13.35 21.75
CA ALA B 13 3.07 -14.75 21.86
C ALA B 13 3.14 -15.47 20.51
N LEU B 14 2.24 -15.16 19.58
CA LEU B 14 2.26 -15.90 18.31
C LEU B 14 3.52 -15.59 17.50
N TYR B 15 3.90 -14.33 17.49
CA TYR B 15 5.14 -13.92 16.84
C TYR B 15 6.34 -14.62 17.47
N LYS B 16 6.39 -14.65 18.80
CA LYS B 16 7.48 -15.35 19.51
C LYS B 16 7.46 -16.83 19.18
N LEU B 17 6.29 -17.44 19.29
CA LEU B 17 6.18 -18.87 19.04
C LEU B 17 6.71 -19.19 17.65
N GLN B 18 6.30 -18.40 16.65
CA GLN B 18 6.71 -18.60 15.28
C GLN B 18 8.23 -18.41 15.12
N ALA B 19 8.75 -17.35 15.72
CA ALA B 19 10.19 -17.10 15.70
C ALA B 19 11.00 -18.18 16.41
N GLY B 20 10.41 -18.79 17.44
CA GLY B 20 11.12 -19.82 18.20
C GLY B 20 11.34 -21.10 17.42
N LYS B 21 10.69 -21.21 16.26
CA LYS B 21 10.85 -22.38 15.39
C LYS B 21 10.66 -23.72 16.11
N GLY B 22 9.65 -23.81 16.97
CA GLY B 22 9.33 -25.05 17.65
C GLY B 22 10.01 -25.21 19.00
N LYS B 23 10.97 -24.32 19.29
CA LYS B 23 11.75 -24.44 20.51
C LYS B 23 10.99 -24.10 21.79
N TYR B 24 10.00 -23.21 21.69
CA TYR B 24 9.28 -22.74 22.88
C TYR B 24 7.99 -23.53 23.10
N THR B 25 7.87 -24.18 24.24
CA THR B 25 6.65 -24.88 24.59
C THR B 25 5.69 -23.90 25.26
N PHE B 26 4.43 -23.88 24.82
CA PHE B 26 3.48 -22.89 25.34
C PHE B 26 3.20 -23.08 26.84
N GLN B 27 3.33 -24.30 27.32
CA GLN B 27 2.99 -24.55 28.70
C GLN B 27 3.80 -23.73 29.67
N ASP B 28 5.11 -23.69 29.49
CA ASP B 28 5.93 -22.96 30.43
C ASP B 28 7.22 -22.33 29.95
N ALA B 29 7.37 -22.05 28.67
CA ALA B 29 8.64 -21.50 28.26
C ALA B 29 8.93 -20.18 28.97
N GLU B 30 10.11 -20.08 29.56
CA GLU B 30 10.54 -18.85 30.24
C GLU B 30 10.63 -17.66 29.29
N GLU B 31 10.84 -17.93 28.01
CA GLU B 31 10.95 -16.88 26.99
C GLU B 31 9.62 -16.23 26.68
N LEU B 32 8.53 -16.87 27.07
CA LEU B 32 7.19 -16.37 26.73
C LEU B 32 6.61 -15.62 27.91
N ASP B 33 6.42 -14.31 27.76
CA ASP B 33 5.81 -13.48 28.79
C ASP B 33 4.39 -13.96 29.11
N VAL B 34 3.71 -14.44 28.07
CA VAL B 34 2.40 -15.05 28.20
C VAL B 34 2.53 -16.52 27.86
N ASN B 35 2.66 -17.36 28.88
CA ASN B 35 2.61 -18.80 28.67
C ASN B 35 1.51 -19.35 29.56
N PHE B 36 1.20 -20.62 29.40
CA PHE B 36 0.03 -21.18 30.04
C PHE B 36 0.07 -20.98 31.56
N GLU B 37 1.19 -21.34 32.17
CA GLU B 37 1.33 -21.26 33.62
C GLU B 37 1.15 -19.81 34.12
N ARG B 38 1.64 -18.88 33.33
CA ARG B 38 1.55 -17.46 33.65
C ARG B 38 0.14 -16.90 33.46
N LEU B 39 -0.62 -17.45 32.51
CA LEU B 39 -2.03 -17.08 32.36
C LEU B 39 -2.82 -17.57 33.57
N ILE B 40 -2.47 -18.76 34.06
CA ILE B 40 -3.08 -19.29 35.30
C ILE B 40 -2.77 -18.36 36.47
N GLU B 41 -1.49 -18.01 36.65
CA GLU B 41 -1.08 -17.15 37.77
C GLU B 41 -1.75 -15.79 37.67
N ALA B 42 -1.92 -15.31 36.45
CA ALA B 42 -2.56 -14.00 36.24
C ALA B 42 -4.03 -14.04 36.62
N LYS B 43 -4.61 -15.24 36.66
CA LYS B 43 -6.07 -15.40 36.71
C LYS B 43 -6.73 -14.76 35.47
N LEU B 45 -8.86 -13.87 32.33
CA LEU B 45 -10.19 -14.21 31.83
C LEU B 45 -10.16 -14.30 30.31
N LEU B 46 -9.46 -13.34 29.68
CA LEU B 46 -9.37 -13.24 28.23
C LEU B 46 -8.04 -12.61 27.86
N GLN B 47 -7.28 -13.26 26.98
CA GLN B 47 -6.04 -12.72 26.46
C GLN B 47 -6.18 -12.55 24.94
N GLY B 48 -5.82 -11.39 24.43
CA GLY B 48 -5.81 -11.16 23.00
C GLY B 48 -4.46 -11.58 22.42
N PHE B 49 -4.51 -12.38 21.36
CA PHE B 49 -3.29 -12.80 20.67
C PHE B 49 -3.20 -12.13 19.31
N ALA B 50 -2.26 -11.20 19.14
CA ALA B 50 -2.07 -10.46 17.90
C ALA B 50 -1.38 -11.30 16.82
N ILE B 51 -1.91 -11.19 15.60
CA ILE B 51 -1.24 -11.68 14.42
C ILE B 51 -0.36 -10.55 13.92
N PHE B 52 0.95 -10.76 13.91
CA PHE B 52 1.89 -9.71 13.56
C PHE B 52 3.12 -10.30 12.93
N LEU B 53 3.50 -9.76 11.76
CA LEU B 53 4.68 -10.24 11.03
C LEU B 53 5.76 -9.18 11.07
N ASP B 54 7.01 -9.62 11.14
CA ASP B 54 8.13 -8.72 10.96
C ASP B 54 7.91 -7.88 9.71
N GLU B 55 8.28 -6.62 9.75
CA GLU B 55 8.09 -5.78 8.56
C GLU B 55 8.94 -6.31 7.41
N ASP B 56 10.00 -7.04 7.75
CA ASP B 56 10.93 -7.55 6.73
C ASP B 56 10.43 -8.78 5.99
N ILE B 57 9.35 -9.40 6.46
CA ILE B 57 8.75 -10.50 5.72
C ILE B 57 8.29 -10.00 4.36
N PRO B 58 8.80 -10.59 3.28
CA PRO B 58 8.44 -10.07 1.96
C PRO B 58 6.93 -10.15 1.72
N VAL B 59 6.43 -9.17 0.98
CA VAL B 59 5.01 -9.02 0.71
C VAL B 59 4.40 -10.29 0.12
N GLU B 60 5.14 -11.00 -0.71
CA GLU B 60 4.61 -12.22 -1.31
C GLU B 60 4.54 -13.42 -0.36
N HIS B 61 5.09 -13.28 0.85
CA HIS B 61 5.04 -14.35 1.84
C HIS B 61 4.18 -14.02 3.06
N LYS B 62 3.71 -12.78 3.14
CA LYS B 62 2.99 -12.34 4.34
C LYS B 62 1.74 -13.16 4.68
N TRP B 63 0.96 -13.50 3.67
CA TRP B 63 -0.30 -14.22 3.93
C TRP B 63 0.02 -15.57 4.54
N LYS B 64 1.00 -16.25 3.96
CA LYS B 64 1.43 -17.57 4.41
C LYS B 64 1.94 -17.52 5.85
N LYS B 65 2.71 -16.48 6.18
CA LYS B 65 3.30 -16.40 7.51
C LYS B 65 2.22 -16.10 8.53
N ALA B 66 1.16 -15.43 8.09
CA ALA B 66 0.06 -15.06 8.97
C ALA B 66 -0.84 -16.26 9.25
N VAL B 67 -1.12 -17.03 8.21
CA VAL B 67 -1.86 -18.27 8.34
C VAL B 67 -1.09 -19.18 9.29
N GLU B 68 0.23 -19.14 9.17
CA GLU B 68 1.10 -19.89 10.08
C GLU B 68 0.80 -19.52 11.54
N GLN B 69 0.67 -18.22 11.82
CA GLN B 69 0.40 -17.76 13.18
C GLN B 69 -1.00 -18.18 13.64
N VAL B 70 -1.98 -18.04 12.76
CA VAL B 70 -3.30 -18.54 13.12
C VAL B 70 -3.20 -20.03 13.50
N ASN B 71 -2.46 -20.81 12.71
CA ASN B 71 -2.35 -22.24 12.98
C ASN B 71 -1.60 -22.53 14.28
N ILE B 72 -0.59 -21.70 14.58
CA ILE B 72 0.10 -21.81 15.86
C ILE B 72 -0.89 -21.60 17.00
N PHE B 73 -1.75 -20.59 16.86
CA PHE B 73 -2.79 -20.32 17.85
C PHE B 73 -3.69 -21.53 18.03
N LYS B 74 -4.17 -22.07 16.92
CA LYS B 74 -5.11 -23.20 16.99
C LYS B 74 -4.47 -24.49 17.47
N GLN B 75 -3.14 -24.59 17.34
CA GLN B 75 -2.48 -25.88 17.58
C GLN B 75 -1.60 -25.92 18.84
N HIS B 76 -1.08 -24.76 19.23
CA HIS B 76 -0.24 -24.64 20.41
C HIS B 76 -0.97 -24.00 21.58
N VAL B 77 -1.94 -23.15 21.30
CA VAL B 77 -2.59 -22.39 22.38
C VAL B 77 -3.94 -23.00 22.80
N LEU B 78 -4.85 -23.18 21.86
CA LEU B 78 -6.19 -23.63 22.20
C LEU B 78 -6.21 -25.00 22.87
N HIS B 79 -7.08 -25.15 23.87
CA HIS B 79 -7.39 -26.42 24.53
C HIS B 79 -6.31 -26.86 25.51
N LYS B 80 -5.27 -26.04 25.66
CA LYS B 80 -4.21 -26.37 26.60
C LYS B 80 -4.83 -26.60 27.98
N GLY B 81 -4.57 -27.76 28.57
CA GLY B 81 -5.03 -28.06 29.91
C GLY B 81 -6.54 -28.24 29.98
N GLY B 82 -7.20 -28.30 28.82
CA GLY B 82 -8.65 -28.37 28.77
C GLY B 82 -9.26 -27.04 29.23
N ILE B 83 -8.40 -26.02 29.30
CA ILE B 83 -8.72 -24.77 29.97
C ILE B 83 -8.79 -23.56 29.02
N ILE B 84 -7.96 -23.54 27.99
CA ILE B 84 -7.97 -22.43 27.04
C ILE B 84 -9.07 -22.61 25.99
N HIS B 85 -9.96 -21.64 25.91
CA HIS B 85 -11.19 -21.73 25.16
C HIS B 85 -11.16 -20.64 24.08
N HIS B 86 -11.52 -20.99 22.85
CA HIS B 86 -11.46 -20.01 21.76
C HIS B 86 -12.60 -19.03 21.85
N VAL B 87 -12.31 -17.77 22.09
CA VAL B 87 -13.34 -16.73 21.99
C VAL B 87 -13.36 -16.24 20.53
N LYS B 88 -14.32 -16.74 19.75
CA LYS B 88 -14.44 -16.46 18.31
C LYS B 88 -15.50 -15.43 18.05
N LYS B 89 -16.46 -15.34 18.97
CA LYS B 89 -17.50 -14.32 18.93
C LYS B 89 -17.72 -13.81 20.34
N TRP B 90 -18.30 -12.62 20.48
CA TRP B 90 -18.39 -11.99 21.81
C TRP B 90 -19.23 -12.79 22.80
N CYS B 91 -20.18 -13.56 22.26
CA CYS B 91 -21.00 -14.36 23.14
C CYS B 91 -20.18 -15.47 23.78
N ASP B 92 -19.14 -15.95 23.09
CA ASP B 92 -18.22 -16.92 23.69
C ASP B 92 -17.59 -16.34 24.93
N LEU B 93 -17.48 -15.01 24.98
CA LEU B 93 -16.81 -14.34 26.10
C LEU B 93 -17.76 -14.18 27.28
N GLU B 94 -18.97 -13.75 26.99
CA GLU B 94 -19.95 -13.53 28.05
C GLU B 94 -20.41 -14.85 28.67
N ASN B 95 -20.23 -15.94 27.93
CA ASN B 95 -20.68 -17.27 28.34
C ASN B 95 -19.53 -18.25 28.59
N LEU B 96 -18.32 -17.72 28.83
CA LEU B 96 -17.17 -18.54 29.17
C LEU B 96 -17.46 -19.42 30.41
N PRO B 97 -17.31 -20.75 30.29
CA PRO B 97 -17.44 -21.57 31.50
C PRO B 97 -16.46 -21.11 32.57
N GLU B 98 -16.86 -21.33 33.83
CA GLU B 98 -16.18 -20.71 34.97
CA GLU B 98 -16.20 -20.77 35.01
C GLU B 98 -14.72 -21.09 35.12
N ASP B 99 -14.36 -22.31 34.74
CA ASP B 99 -12.96 -22.74 34.86
C ASP B 99 -12.14 -22.51 33.59
N LYS B 100 -12.63 -21.68 32.67
CA LYS B 100 -11.97 -21.50 31.39
C LYS B 100 -11.25 -20.19 31.33
N ILE B 101 -10.22 -20.16 30.49
CA ILE B 101 -9.56 -18.93 30.10
C ILE B 101 -9.77 -18.68 28.62
N GLY B 102 -10.29 -17.50 28.26
CA GLY B 102 -10.58 -17.18 26.88
C GLY B 102 -9.34 -16.72 26.12
N ALA B 103 -9.21 -17.12 24.86
CA ALA B 103 -8.16 -16.64 23.98
C ALA B 103 -8.80 -16.13 22.70
N LEU B 105 -8.09 -13.90 18.80
CA LEU B 105 -7.12 -13.43 17.81
C LEU B 105 -7.39 -11.98 17.48
N THR B 106 -6.31 -11.22 17.23
CA THR B 106 -6.43 -9.87 16.73
C THR B 106 -5.41 -9.66 15.62
N LEU B 107 -5.62 -8.66 14.77
CA LEU B 107 -4.78 -8.43 13.61
C LEU B 107 -4.07 -7.10 13.76
N GLU B 108 -2.75 -7.15 13.84
CA GLU B 108 -1.97 -5.96 14.09
C GLU B 108 -1.42 -5.43 12.78
N GLY B 109 -2.26 -4.71 12.03
CA GLY B 109 -1.89 -4.19 10.72
C GLY B 109 -2.42 -5.12 9.65
N ILE B 110 -3.03 -4.57 8.59
CA ILE B 110 -3.62 -5.42 7.56
C ILE B 110 -2.67 -5.85 6.43
N GLU B 111 -1.37 -5.68 6.63
CA GLU B 111 -0.35 -6.12 5.65
C GLU B 111 -0.58 -7.52 5.08
N PRO B 112 -0.84 -8.53 5.93
CA PRO B 112 -0.97 -9.91 5.42
C PRO B 112 -2.06 -10.13 4.36
N ILE B 113 -3.08 -9.28 4.28
CA ILE B 113 -4.19 -9.53 3.34
C ILE B 113 -3.98 -8.92 1.95
N GLY B 114 -2.85 -8.25 1.76
CA GLY B 114 -2.59 -7.60 0.48
C GLY B 114 -3.68 -6.59 0.20
N ARG B 115 -4.33 -6.72 -0.93
CA ARG B 115 -5.44 -5.82 -1.24
C ARG B 115 -6.71 -6.65 -1.37
N ASP B 116 -6.69 -7.81 -0.74
CA ASP B 116 -7.74 -8.81 -0.88
C ASP B 116 -8.64 -8.82 0.35
N LEU B 117 -9.81 -8.20 0.21
CA LEU B 117 -10.82 -8.18 1.24
C LEU B 117 -11.28 -9.58 1.63
N ASP B 118 -11.24 -10.51 0.68
CA ASP B 118 -11.60 -11.90 0.97
C ASP B 118 -10.65 -12.57 1.97
N LYS B 119 -9.36 -12.25 1.89
CA LYS B 119 -8.41 -12.76 2.87
C LYS B 119 -8.78 -12.22 4.25
N LEU B 120 -9.27 -11.00 4.31
CA LEU B 120 -9.68 -10.41 5.57
C LEU B 120 -10.91 -11.15 6.08
N THR B 121 -11.85 -11.41 5.16
CA THR B 121 -13.05 -12.15 5.51
C THR B 121 -12.70 -13.52 6.10
N GLN B 122 -11.63 -14.14 5.60
CA GLN B 122 -11.20 -15.44 6.12
C GLN B 122 -10.73 -15.33 7.56
N LEU B 123 -10.00 -14.26 7.85
CA LEU B 123 -9.48 -14.05 9.19
C LEU B 123 -10.63 -13.78 10.16
N LEU B 124 -11.60 -12.98 9.70
CA LEU B 124 -12.76 -12.67 10.52
C LEU B 124 -13.57 -13.94 10.80
N ASP B 125 -13.68 -14.79 9.78
CA ASP B 125 -14.42 -16.05 9.93
C ASP B 125 -13.69 -16.98 10.87
N GLY B 126 -12.36 -16.86 10.90
CA GLY B 126 -11.55 -17.67 11.80
C GLY B 126 -11.49 -17.12 13.22
N GLY B 127 -12.09 -15.94 13.46
CA GLY B 127 -12.21 -15.45 14.81
C GLY B 127 -11.52 -14.14 15.16
N VAL B 128 -10.92 -13.46 14.19
CA VAL B 128 -10.30 -12.17 14.50
C VAL B 128 -11.40 -11.21 15.00
N LEU B 129 -11.21 -10.62 16.18
CA LEU B 129 -12.27 -9.84 16.80
C LEU B 129 -11.84 -8.39 17.01
N SER B 130 -10.61 -8.09 16.59
CA SER B 130 -10.08 -6.73 16.63
C SER B 130 -9.07 -6.53 15.50
N VAL B 131 -9.19 -5.42 14.79
CA VAL B 131 -8.29 -5.15 13.66
C VAL B 131 -7.70 -3.76 13.74
N GLY B 132 -6.37 -3.70 13.83
CA GLY B 132 -5.68 -2.45 13.59
C GLY B 132 -5.32 -2.35 12.12
N LEU B 133 -5.69 -1.25 11.49
CA LEU B 133 -5.43 -1.10 10.06
C LEU B 133 -3.93 -1.09 9.78
N THR B 134 -3.17 -0.44 10.66
CA THR B 134 -1.73 -0.30 10.50
C THR B 134 -0.95 -0.68 11.74
N TRP B 135 0.30 -1.08 11.50
CA TRP B 135 1.32 -1.00 12.51
C TRP B 135 1.98 0.38 12.30
N ASN B 136 3.30 0.47 12.40
CA ASN B 136 4.00 1.76 12.26
C ASN B 136 4.14 2.35 10.85
N ASN B 137 4.08 1.51 9.84
CA ASN B 137 4.38 1.94 8.48
C ASN B 137 3.17 2.27 7.60
N ALA B 138 3.42 2.93 6.48
CA ALA B 138 2.41 3.07 5.44
C ALA B 138 2.00 1.69 4.95
N ASN B 139 0.71 1.52 4.68
CA ASN B 139 0.24 0.28 4.04
C ASN B 139 -0.97 0.60 3.18
N LEU B 140 -1.58 -0.41 2.58
CA LEU B 140 -2.65 -0.17 1.59
C LEU B 140 -3.91 0.43 2.17
N ALA B 141 -4.02 0.42 3.49
CA ALA B 141 -5.22 0.90 4.19
C ALA B 141 -5.07 2.32 4.75
N ALA B 142 -3.86 2.65 5.22
CA ALA B 142 -3.61 3.96 5.85
C ALA B 142 -2.12 4.11 6.16
N ASP B 143 -1.72 5.29 6.62
CA ASP B 143 -0.35 5.46 7.12
C ASP B 143 -0.29 5.15 8.60
N GLY B 144 0.75 4.44 9.02
CA GLY B 144 1.00 4.19 10.43
C GLY B 144 1.65 5.40 11.08
N ILE B 145 1.78 5.37 12.40
CA ILE B 145 2.21 6.56 13.13
C ILE B 145 3.65 6.99 12.81
N GLU B 147 5.12 6.80 9.70
CA GLU B 147 5.29 7.29 8.33
C GLU B 147 5.22 8.81 8.29
N GLU B 148 6.31 9.43 7.85
CA GLU B 148 6.41 10.90 7.75
C GLU B 148 5.21 11.53 7.03
N ARG B 149 4.78 10.91 5.94
CA ARG B 149 3.64 11.43 5.17
C ARG B 149 2.39 11.66 6.04
N GLY B 150 2.12 10.72 6.95
CA GLY B 150 1.03 10.89 7.92
C GLY B 150 -0.36 11.08 7.33
N ALA B 151 -0.64 10.34 6.26
CA ALA B 151 -1.95 10.42 5.63
C ALA B 151 -2.97 9.54 6.36
N GLY B 152 -4.24 9.74 6.06
CA GLY B 152 -5.30 8.99 6.69
C GLY B 152 -5.68 7.76 5.90
N LEU B 153 -6.98 7.48 5.82
CA LEU B 153 -7.50 6.26 5.23
C LEU B 153 -7.57 6.33 3.72
N THR B 154 -7.21 5.22 3.09
CA THR B 154 -7.46 5.02 1.67
C THR B 154 -8.87 4.46 1.49
N ARG B 155 -9.29 4.33 0.23
CA ARG B 155 -10.54 3.66 -0.10
C ARG B 155 -10.60 2.27 0.53
N PHE B 156 -9.49 1.56 0.42
CA PHE B 156 -9.38 0.21 0.93
C PHE B 156 -9.57 0.21 2.44
N GLY B 157 -8.96 1.19 3.12
CA GLY B 157 -9.10 1.33 4.56
C GLY B 157 -10.56 1.55 4.97
N LYS B 158 -11.27 2.41 4.23
CA LYS B 158 -12.69 2.68 4.54
C LYS B 158 -13.55 1.45 4.29
N ASP B 159 -13.25 0.73 3.22
CA ASP B 159 -14.00 -0.49 2.93
C ASP B 159 -13.79 -1.52 4.06
N ILE B 160 -12.58 -1.57 4.61
CA ILE B 160 -12.26 -2.50 5.69
C ILE B 160 -13.10 -2.17 6.92
N ILE B 161 -13.06 -0.91 7.34
CA ILE B 161 -13.85 -0.46 8.49
C ILE B 161 -15.35 -0.75 8.35
N HIS B 162 -15.91 -0.53 7.16
CA HIS B 162 -17.31 -0.87 6.92
CA HIS B 162 -17.32 -0.87 6.91
C HIS B 162 -17.56 -2.34 7.23
N LEU B 163 -16.67 -3.20 6.73
CA LEU B 163 -16.77 -4.62 7.00
C LEU B 163 -16.65 -4.92 8.51
N LEU B 164 -15.75 -4.24 9.20
CA LEU B 164 -15.57 -4.49 10.64
C LEU B 164 -16.83 -4.08 11.39
N ASN B 165 -17.40 -2.95 11.00
CA ASN B 165 -18.62 -2.45 11.61
C ASN B 165 -19.72 -3.50 11.50
N GLU B 166 -19.90 -3.99 10.28
CA GLU B 166 -20.95 -4.96 9.99
C GLU B 166 -20.73 -6.27 10.75
N ARG B 167 -19.48 -6.69 10.91
CA ARG B 167 -19.18 -7.95 11.59
C ARG B 167 -19.05 -7.82 13.11
N LYS B 168 -19.28 -6.63 13.65
CA LYS B 168 -19.17 -6.39 15.10
C LYS B 168 -17.75 -6.64 15.61
N VAL B 169 -16.78 -6.13 14.86
CA VAL B 169 -15.37 -6.26 15.20
C VAL B 169 -14.81 -4.90 15.62
N PHE B 170 -13.88 -4.89 16.57
CA PHE B 170 -13.23 -3.64 17.01
C PHE B 170 -12.33 -3.12 15.90
N THR B 171 -12.35 -1.80 15.71
CA THR B 171 -11.33 -1.13 14.90
C THR B 171 -10.31 -0.51 15.86
N ASP B 172 -9.05 -0.91 15.73
CA ASP B 172 -8.04 -0.58 16.73
C ASP B 172 -7.14 0.55 16.23
N VAL B 173 -7.08 1.67 16.96
CA VAL B 173 -6.36 2.86 16.48
C VAL B 173 -4.98 3.03 17.09
N SER B 174 -4.52 2.04 17.84
CA SER B 174 -3.25 2.16 18.57
C SER B 174 -2.04 2.65 17.75
N HIS B 175 -1.87 2.17 16.52
CA HIS B 175 -0.70 2.58 15.72
C HIS B 175 -1.06 3.51 14.57
N LEU B 176 -2.28 4.02 14.56
CA LEU B 176 -2.75 4.82 13.42
C LEU B 176 -2.10 6.20 13.43
N SER B 177 -1.81 6.74 12.24
CA SER B 177 -1.38 8.12 12.14
C SER B 177 -2.45 9.02 12.78
N VAL B 178 -2.07 10.25 13.12
CA VAL B 178 -2.99 11.18 13.77
C VAL B 178 -4.21 11.39 12.86
N LYS B 179 -3.96 11.60 11.57
CA LYS B 179 -5.03 11.79 10.59
C LYS B 179 -5.92 10.55 10.52
N ALA B 180 -5.30 9.38 10.42
CA ALA B 180 -6.07 8.16 10.34
C ALA B 180 -6.90 7.95 11.63
N PHE B 181 -6.34 8.32 12.78
CA PHE B 181 -7.06 8.24 14.04
C PHE B 181 -8.39 9.00 13.94
N TRP B 182 -8.31 10.29 13.64
CA TRP B 182 -9.54 11.09 13.56
C TRP B 182 -10.54 10.61 12.49
N GLU B 183 -10.04 10.16 11.34
CA GLU B 183 -10.96 9.65 10.30
C GLU B 183 -11.61 8.34 10.73
N THR B 184 -10.88 7.56 11.51
CA THR B 184 -11.40 6.28 12.03
C THR B 184 -12.51 6.47 13.06
N LEU B 185 -12.34 7.42 13.97
CA LEU B 185 -13.40 7.74 14.91
C LEU B 185 -14.68 8.11 14.17
N GLU B 186 -14.53 8.69 12.99
CA GLU B 186 -15.68 9.04 12.16
C GLU B 186 -16.35 7.83 11.52
N GLN B 187 -15.56 6.88 11.04
CA GLN B 187 -16.06 5.74 10.28
CA GLN B 187 -16.11 5.76 10.29
C GLN B 187 -16.37 4.52 11.14
N ALA B 188 -15.58 4.30 12.18
CA ALA B 188 -15.70 3.05 12.94
C ALA B 188 -16.77 3.11 14.02
N GLU B 189 -17.58 2.07 14.07
CA GLU B 189 -18.61 1.95 15.11
C GLU B 189 -18.02 1.46 16.44
N PHE B 190 -17.09 0.52 16.38
CA PHE B 190 -16.52 -0.03 17.61
C PHE B 190 -15.01 0.24 17.69
N VAL B 191 -14.64 1.24 18.48
CA VAL B 191 -13.27 1.71 18.52
C VAL B 191 -12.54 1.26 19.78
N ILE B 192 -11.28 0.90 19.60
CA ILE B 192 -10.45 0.55 20.72
C ILE B 192 -9.05 1.08 20.47
N ALA B 193 -8.33 1.36 21.54
CA ALA B 193 -6.89 1.49 21.48
C ALA B 193 -6.36 0.32 22.31
N SER B 194 -5.95 -0.76 21.62
CA SER B 194 -5.67 -2.04 22.27
C SER B 194 -4.41 -2.01 23.13
N HIS B 195 -3.52 -1.05 22.86
CA HIS B 195 -2.34 -0.91 23.70
C HIS B 195 -1.73 0.48 23.52
N SER B 196 -2.19 1.43 24.33
CA SER B 196 -1.79 2.82 24.18
C SER B 196 -1.86 3.53 25.50
N SER B 197 -0.94 4.45 25.73
CA SER B 197 -0.94 5.23 26.96
C SER B 197 -1.13 6.73 26.72
N ALA B 198 -0.96 7.55 27.75
CA ALA B 198 -1.29 8.98 27.65
C ALA B 198 -0.10 9.85 27.31
N LYS B 199 -0.21 10.56 26.19
CA LYS B 199 0.86 11.39 25.69
C LYS B 199 1.19 12.53 26.67
N ALA B 200 0.19 13.02 27.40
CA ALA B 200 0.46 14.07 28.38
C ALA B 200 1.41 13.59 29.48
N ILE B 201 1.43 12.28 29.71
CA ILE B 201 2.31 11.69 30.72
C ILE B 201 3.65 11.29 30.09
N CYS B 202 3.56 10.60 28.95
CA CYS B 202 4.76 10.19 28.21
C CYS B 202 4.58 10.57 26.76
N ALA B 203 5.45 11.47 26.27
CA ALA B 203 5.24 12.16 25.00
C ALA B 203 5.63 11.38 23.74
N HIS B 204 5.61 10.06 23.81
CA HIS B 204 5.86 9.29 22.61
C HIS B 204 4.74 9.53 21.59
N PRO B 205 5.08 9.58 20.29
CA PRO B 205 4.09 9.83 19.23
C PRO B 205 2.98 8.78 19.15
N ARG B 206 3.23 7.57 19.65
CA ARG B 206 2.22 6.50 19.65
C ARG B 206 1.14 6.75 20.69
N ASN B 207 1.41 7.62 21.65
CA ASN B 207 0.48 7.80 22.76
C ASN B 207 -0.64 8.76 22.41
N LEU B 208 -1.69 8.77 23.22
CA LEU B 208 -2.88 9.57 22.93
C LEU B 208 -2.85 10.90 23.70
N ASP B 209 -3.04 12.01 23.00
CA ASP B 209 -3.09 13.30 23.70
C ASP B 209 -4.45 13.50 24.34
N ASP B 210 -4.60 14.56 25.13
CA ASP B 210 -5.81 14.73 25.91
C ASP B 210 -7.06 14.83 25.02
N GLU B 211 -6.90 15.48 23.86
CA GLU B 211 -8.02 15.66 22.94
C GLU B 211 -8.46 14.31 22.39
N GLN B 212 -7.49 13.49 22.00
CA GLN B 212 -7.79 12.14 21.53
C GLN B 212 -8.46 11.31 22.60
N ILE B 213 -7.96 11.39 23.82
CA ILE B 213 -8.55 10.66 24.94
C ILE B 213 -10.00 11.10 25.18
N LYS B 214 -10.22 12.41 25.24
CA LYS B 214 -11.58 12.93 25.44
C LYS B 214 -12.51 12.49 24.32
N ALA B 215 -11.98 12.45 23.11
CA ALA B 215 -12.77 11.94 21.99
C ALA B 215 -13.08 10.44 22.11
N ILE B 217 -13.41 8.78 24.89
CA ILE B 217 -14.44 8.71 25.90
C ILE B 217 -15.82 9.09 25.31
N GLU B 218 -15.87 10.16 24.55
CA GLU B 218 -17.12 10.60 23.90
C GLU B 218 -17.68 9.53 22.95
N HIS B 219 -16.80 8.83 22.25
CA HIS B 219 -17.17 7.78 21.30
C HIS B 219 -17.53 6.50 22.04
N ASP B 220 -17.36 6.52 23.36
CA ASP B 220 -17.52 5.32 24.18
C ASP B 220 -16.57 4.19 23.74
N ALA B 221 -15.31 4.55 23.50
CA ALA B 221 -14.30 3.63 23.04
C ALA B 221 -13.53 3.10 24.25
N ILE B 223 -9.82 2.28 26.01
CA ILE B 223 -8.38 2.54 26.00
C ILE B 223 -7.70 1.52 26.90
N HIS B 224 -6.79 0.73 26.34
CA HIS B 224 -6.11 -0.31 27.12
C HIS B 224 -4.65 0.09 27.33
N VAL B 225 -4.29 0.36 28.58
CA VAL B 225 -2.98 0.95 28.84
C VAL B 225 -1.90 -0.13 28.71
N ILE B 226 -0.74 0.28 28.18
CA ILE B 226 0.31 -0.64 27.80
C ILE B 226 1.33 -0.79 28.94
N PHE B 227 2.03 -1.93 28.97
CA PHE B 227 3.09 -2.18 29.96
C PHE B 227 4.49 -2.08 29.36
N HIS B 228 4.67 -1.13 28.46
CA HIS B 228 5.94 -0.90 27.78
C HIS B 228 6.59 0.39 28.31
N PRO B 229 7.78 0.26 28.93
CA PRO B 229 8.45 1.42 29.56
C PRO B 229 8.63 2.59 28.59
N LEU B 230 8.82 2.30 27.31
CA LEU B 230 9.09 3.33 26.30
C LEU B 230 7.89 4.28 26.13
N PHE B 231 6.70 3.76 26.42
CA PHE B 231 5.46 4.52 26.27
C PHE B 231 4.93 4.95 27.62
N THR B 232 5.66 4.60 28.68
CA THR B 232 5.16 4.82 30.03
C THR B 232 5.77 6.04 30.69
N THR B 233 7.07 6.22 30.50
CA THR B 233 7.78 7.38 31.05
C THR B 233 8.65 7.98 29.96
N ASN B 234 8.80 9.30 30.03
CA ASN B 234 9.61 10.01 29.06
C ASN B 234 11.04 9.49 29.03
N ASP B 235 11.54 9.05 30.19
CA ASP B 235 12.93 8.58 30.25
C ASP B 235 13.11 7.09 29.93
N GLY B 236 12.02 6.37 29.72
CA GLY B 236 12.10 4.99 29.29
C GLY B 236 12.34 3.98 30.40
N VAL B 237 12.38 4.45 31.64
CA VAL B 237 12.49 3.57 32.78
C VAL B 237 11.26 3.69 33.67
N ALA B 238 10.61 2.56 33.92
CA ALA B 238 9.29 2.59 34.54
C ALA B 238 9.09 1.45 35.53
N ASP B 239 8.27 1.73 36.54
CA ASP B 239 7.79 0.72 37.46
C ASP B 239 6.24 0.74 37.49
N ILE B 240 5.64 -0.08 38.34
CA ILE B 240 4.18 -0.21 38.31
C ILE B 240 3.48 1.12 38.57
N GLU B 241 4.02 1.92 39.48
CA GLU B 241 3.39 3.20 39.81
C GLU B 241 3.37 4.11 38.59
N ASP B 242 4.41 4.04 37.77
CA ASP B 242 4.45 4.82 36.52
C ASP B 242 3.32 4.45 35.56
N VAL B 243 3.01 3.17 35.46
CA VAL B 243 1.86 2.73 34.67
C VAL B 243 0.57 3.34 35.23
N ILE B 244 0.45 3.32 36.55
CA ILE B 244 -0.78 3.80 37.19
C ILE B 244 -1.05 5.29 36.92
N ARG B 245 0.01 6.10 36.78
CA ARG B 245 -0.12 7.51 36.41
C ARG B 245 -0.97 7.70 35.16
N HIS B 246 -0.85 6.77 34.21
CA HIS B 246 -1.62 6.85 32.99
C HIS B 246 -3.09 6.56 33.27
N ILE B 247 -3.34 5.59 34.13
CA ILE B 247 -4.69 5.26 34.52
C ILE B 247 -5.30 6.46 35.23
N ASP B 248 -4.58 7.05 36.18
CA ASP B 248 -5.03 8.24 36.91
C ASP B 248 -5.38 9.33 35.91
N HIS B 249 -4.48 9.56 34.96
CA HIS B 249 -4.65 10.67 34.04
C HIS B 249 -5.95 10.53 33.27
N ILE B 250 -6.20 9.33 32.75
CA ILE B 250 -7.39 9.09 31.96
C ILE B 250 -8.65 9.24 32.81
N CYS B 251 -8.57 8.80 34.07
CA CYS B 251 -9.68 8.95 34.99
C CYS B 251 -10.00 10.43 35.19
N GLU B 252 -8.96 11.24 35.32
CA GLU B 252 -9.11 12.67 35.52
C GLU B 252 -9.79 13.32 34.33
N LEU B 253 -9.53 12.79 33.15
CA LEU B 253 -10.18 13.32 31.95
C LEU B 253 -11.62 12.81 31.84
N GLY B 254 -12.02 11.95 32.77
CA GLY B 254 -13.39 11.45 32.82
C GLY B 254 -13.59 10.05 32.26
N GLY B 255 -12.51 9.28 32.14
CA GLY B 255 -12.59 8.00 31.46
C GLY B 255 -12.48 6.77 32.33
N LYS B 257 -14.47 4.65 33.27
CA LYS B 257 -15.25 3.54 32.71
C LYS B 257 -14.74 3.06 31.33
N ASN B 258 -13.70 3.71 30.81
CA ASN B 258 -13.22 3.42 29.47
C ASN B 258 -11.80 2.88 29.47
N ILE B 259 -11.33 2.47 30.64
CA ILE B 259 -9.94 2.03 30.81
C ILE B 259 -9.87 0.51 30.98
N GLY B 260 -8.95 -0.11 30.27
CA GLY B 260 -8.63 -1.51 30.49
C GLY B 260 -7.14 -1.72 30.32
N PHE B 261 -6.71 -2.97 30.19
CA PHE B 261 -5.30 -3.30 30.06
C PHE B 261 -4.93 -3.87 28.69
N GLY B 262 -3.80 -3.43 28.16
CA GLY B 262 -3.27 -3.94 26.90
C GLY B 262 -1.75 -4.04 27.02
N SER B 263 -1.29 -5.09 27.68
CA SER B 263 0.09 -5.21 28.13
C SER B 263 1.10 -5.03 27.02
N ASP B 264 0.84 -5.62 25.86
CA ASP B 264 1.86 -5.81 24.84
C ASP B 264 2.94 -6.79 25.32
N PHE B 265 2.58 -7.69 26.23
CA PHE B 265 3.56 -8.69 26.67
C PHE B 265 4.08 -9.45 25.46
N ASP B 266 5.34 -9.86 25.55
CA ASP B 266 6.08 -10.54 24.46
C ASP B 266 6.47 -9.66 23.29
N GLY B 267 6.07 -8.39 23.31
CA GLY B 267 6.58 -7.38 22.39
C GLY B 267 7.38 -6.27 23.07
N ILE B 268 7.98 -6.58 24.22
CA ILE B 268 8.63 -5.56 25.05
C ILE B 268 10.10 -5.93 25.28
N PRO B 269 11.03 -5.13 24.72
CA PRO B 269 12.45 -5.47 24.93
C PRO B 269 12.84 -5.42 26.40
N ASP B 270 12.51 -4.32 27.08
CA ASP B 270 12.80 -4.18 28.50
C ASP B 270 11.51 -3.86 29.22
N HIS B 271 11.29 -4.48 30.36
CA HIS B 271 9.99 -4.45 31.02
C HIS B 271 9.85 -3.36 32.07
N VAL B 272 8.61 -2.97 32.31
CA VAL B 272 8.27 -2.23 33.52
C VAL B 272 8.67 -3.07 34.73
N LYS B 273 9.42 -2.47 35.64
CA LYS B 273 9.84 -3.19 36.83
C LYS B 273 8.63 -3.62 37.63
N GLY B 274 8.57 -4.92 37.94
CA GLY B 274 7.44 -5.48 38.67
C GLY B 274 6.40 -6.12 37.77
N LEU B 275 6.52 -5.87 36.47
CA LEU B 275 5.59 -6.39 35.47
C LEU B 275 6.32 -7.10 34.35
N GLU B 276 7.22 -8.02 34.68
CA GLU B 276 8.04 -8.62 33.63
C GLU B 276 7.36 -9.74 32.84
N HIS B 277 6.20 -10.21 33.29
CA HIS B 277 5.44 -11.18 32.52
C HIS B 277 4.02 -11.31 33.06
N ALA B 278 3.15 -12.03 32.34
CA ALA B 278 1.74 -12.09 32.71
C ALA B 278 1.50 -12.68 34.12
N GLY B 279 2.45 -13.48 34.61
CA GLY B 279 2.35 -14.01 35.95
C GLY B 279 2.47 -12.97 37.06
N LYS B 280 2.79 -11.73 36.71
CA LYS B 280 2.84 -10.63 37.68
C LYS B 280 1.51 -9.84 37.74
N TYR B 281 0.51 -10.29 37.00
CA TYR B 281 -0.72 -9.49 36.88
C TYR B 281 -1.41 -9.25 38.22
N GLN B 282 -1.48 -10.27 39.07
CA GLN B 282 -2.13 -10.08 40.38
C GLN B 282 -1.35 -9.09 41.26
N ASN B 283 -0.02 -9.12 41.16
CA ASN B 283 0.79 -8.10 41.83
C ASN B 283 0.39 -6.71 41.35
N PHE B 284 0.14 -6.57 40.05
CA PHE B 284 -0.30 -5.29 39.49
C PHE B 284 -1.62 -4.85 40.12
N LEU B 285 -2.60 -5.74 40.18
CA LEU B 285 -3.90 -5.41 40.77
C LEU B 285 -3.74 -5.03 42.24
N GLU B 286 -2.80 -5.67 42.94
CA GLU B 286 -2.61 -5.43 44.36
C GLU B 286 -2.16 -3.98 44.56
N THR B 287 -1.24 -3.52 43.72
CA THR B 287 -0.82 -2.12 43.74
C THR B 287 -1.92 -1.13 43.32
N LEU B 288 -2.67 -1.43 42.27
CA LEU B 288 -3.84 -0.63 41.93
C LEU B 288 -4.76 -0.45 43.14
N GLY B 289 -4.83 -1.49 43.97
CA GLY B 289 -5.74 -1.48 45.11
C GLY B 289 -5.37 -0.48 46.20
N LYS B 290 -4.19 0.14 46.11
CA LYS B 290 -3.79 1.20 47.04
C LYS B 290 -4.50 2.46 46.60
N HIS B 291 -4.84 2.50 45.32
CA HIS B 291 -5.26 3.75 44.69
C HIS B 291 -6.76 3.80 44.35
N TYR B 292 -7.39 2.63 44.26
CA TYR B 292 -8.76 2.51 43.76
C TYR B 292 -9.52 1.49 44.60
N THR B 293 -10.83 1.68 44.75
CA THR B 293 -11.66 0.71 45.45
C THR B 293 -11.64 -0.61 44.67
N LYS B 294 -12.05 -1.69 45.32
CA LYS B 294 -12.06 -2.98 44.64
C LYS B 294 -12.95 -2.93 43.41
N GLU B 295 -14.11 -2.32 43.57
CA GLU B 295 -15.07 -2.17 42.48
C GLU B 295 -14.47 -1.40 41.29
N GLU B 296 -13.64 -0.41 41.59
CA GLU B 296 -12.97 0.35 40.53
C GLU B 296 -11.88 -0.49 39.85
N VAL B 297 -11.12 -1.25 40.62
CA VAL B 297 -10.09 -2.12 40.05
C VAL B 297 -10.69 -3.20 39.14
N GLU B 298 -11.82 -3.79 39.53
CA GLU B 298 -12.54 -4.74 38.68
C GLU B 298 -13.01 -4.10 37.36
N GLY B 299 -13.35 -2.81 37.39
CA GLY B 299 -13.65 -2.08 36.16
C GLY B 299 -12.48 -2.11 35.15
N PHE B 300 -11.28 -1.72 35.59
CA PHE B 300 -10.07 -1.74 34.76
C PHE B 300 -9.69 -3.17 34.32
N ALA B 301 -9.80 -4.12 35.24
CA ALA B 301 -9.39 -5.50 34.99
C ALA B 301 -10.28 -6.23 33.98
N SER B 302 -11.58 -5.98 34.01
CA SER B 302 -12.47 -6.67 33.09
C SER B 302 -13.85 -6.04 32.84
N ARG B 303 -14.47 -5.51 33.89
CA ARG B 303 -15.87 -5.07 33.77
C ARG B 303 -16.04 -3.99 32.71
N ASN B 304 -15.09 -3.05 32.62
CA ASN B 304 -15.20 -2.00 31.61
C ASN B 304 -15.25 -2.57 30.18
N PHE B 305 -14.28 -3.41 29.86
CA PHE B 305 -14.28 -4.05 28.54
C PHE B 305 -15.57 -4.85 28.33
N LEU B 306 -16.01 -5.56 29.36
CA LEU B 306 -17.23 -6.37 29.26
C LEU B 306 -18.48 -5.51 29.08
N ASN B 307 -18.44 -4.25 29.51
CA ASN B 307 -19.56 -3.31 29.27
C ASN B 307 -19.47 -2.71 27.86
N HIS B 308 -18.41 -3.01 27.12
CA HIS B 308 -18.20 -2.38 25.81
C HIS B 308 -18.11 -3.36 24.64
N LEU B 309 -18.70 -4.55 24.77
CA LEU B 309 -18.62 -5.52 23.68
C LEU B 309 -19.43 -5.04 22.48
N PRO B 310 -18.87 -5.17 21.27
CA PRO B 310 -19.66 -4.80 20.09
C PRO B 310 -20.97 -5.60 20.03
N LYS B 311 -22.07 -4.91 19.71
CA LYS B 311 -23.40 -5.53 19.65
C LYS B 311 -24.24 -5.00 18.50
#